data_6AKO
#
_entry.id   6AKO
#
_cell.length_a   42.540
_cell.length_b   72.924
_cell.length_c   99.047
_cell.angle_alpha   90.00
_cell.angle_beta   90.00
_cell.angle_gamma   90.00
#
_symmetry.space_group_name_H-M   'P 21 21 21'
#
loop_
_entity.id
_entity.type
_entity.pdbx_description
1 polymer "DNA (5'-D(CP*AP*AP*AP*AP*TP*GP*TP*AP*AP*AP*CP*AP*AP*GP*A)-3')"
2 polymer "DNA (5'-D(TP*CP*TP*TP*GP*TP*TP*TP*AP*CP*AP*TP*TP*TP*TP*G)-3')"
3 polymer 'Forkhead box protein C2'
4 non-polymer 'MAGNESIUM ION'
5 water water
#
loop_
_entity_poly.entity_id
_entity_poly.type
_entity_poly.pdbx_seq_one_letter_code
_entity_poly.pdbx_strand_id
1 'polydeoxyribonucleotide' (DC)(DA)(DA)(DA)(DA)(DT)(DG)(DT)(DA)(DA)(DA)(DC)(DA)(DA)(DG)(DA) A
2 'polydeoxyribonucleotide' (DT)(DC)(DT)(DT)(DG)(DT)(DT)(DT)(DA)(DC)(DA)(DT)(DT)(DT)(DT)(DG) B
3 'polypeptide(L)'
;GPKPPYSYIALITMAIQNAPEKKITLNGIYQFIMDRFPFYRENKQGWQNSIRHNLSLNECFVKVPRDDKKPGKGSYWTLD
PDSYNMFENGSFLRRRRRFKKKD
;
C
#
# COMPACT_ATOMS: atom_id res chain seq x y z
N GLY C 1 6.77 -12.35 15.35
CA GLY C 1 6.76 -11.22 16.25
C GLY C 1 5.39 -10.56 16.36
N PRO C 2 5.32 -9.43 17.04
CA PRO C 2 4.05 -8.71 17.18
C PRO C 2 3.79 -7.84 15.96
N LYS C 3 2.50 -7.57 15.75
CA LYS C 3 2.08 -6.75 14.61
C LYS C 3 2.49 -5.30 14.82
N PRO C 4 3.03 -4.64 13.81
CA PRO C 4 3.40 -3.22 13.93
C PRO C 4 2.16 -2.35 14.16
N PRO C 5 2.34 -1.12 14.63
CA PRO C 5 1.18 -0.26 14.92
C PRO C 5 0.51 0.30 13.68
N TYR C 6 1.10 0.16 12.51
CA TYR C 6 0.63 0.85 11.32
C TYR C 6 -0.62 0.18 10.75
N SER C 7 -1.60 1.01 10.37
CA SER C 7 -2.83 0.51 9.80
C SER C 7 -2.59 0.03 8.37
N TYR C 8 -3.61 -0.62 7.81
CA TYR C 8 -3.51 -1.09 6.42
C TYR C 8 -3.51 0.09 5.45
N ILE C 9 -4.25 1.15 5.77
CA ILE C 9 -4.19 2.37 4.98
C ILE C 9 -2.78 2.94 5.03
N ALA C 10 -2.16 2.93 6.21
CA ALA C 10 -0.79 3.44 6.34
C ALA C 10 0.21 2.58 5.58
N LEU C 11 0.06 1.26 5.67
CA LEU C 11 0.99 0.36 4.97
C LEU C 11 0.96 0.59 3.47
N ILE C 12 -0.24 0.68 2.89
CA ILE C 12 -0.37 0.91 1.45
C ILE C 12 0.22 2.25 1.06
N THR C 13 0.01 3.28 1.88
CA THR C 13 0.54 4.60 1.59
C THR C 13 2.08 4.58 1.60
N MET C 14 2.68 3.86 2.54
CA MET C 14 4.12 3.73 2.56
C MET C 14 4.65 3.15 1.25
N ALA C 15 4.02 2.07 0.78
CA ALA C 15 4.49 1.41 -0.43
C ALA C 15 4.37 2.32 -1.64
N ILE C 16 3.25 3.02 -1.78
CA ILE C 16 3.05 3.92 -2.92
C ILE C 16 4.09 5.04 -2.88
N GLN C 17 4.24 5.69 -1.72
CA GLN C 17 5.18 6.80 -1.60
C GLN C 17 6.63 6.35 -1.80
N ASN C 18 6.95 5.11 -1.42
CA ASN C 18 8.30 4.61 -1.59
C ASN C 18 8.65 4.35 -3.05
N ALA C 19 7.65 4.11 -3.90
CA ALA C 19 7.93 3.83 -5.30
C ALA C 19 8.58 5.04 -5.96
N PRO C 20 9.59 4.84 -6.81
CA PRO C 20 10.22 6.00 -7.46
C PRO C 20 9.26 6.82 -8.30
N GLU C 21 8.42 6.16 -9.10
CA GLU C 21 7.41 6.84 -9.90
C GLU C 21 6.06 6.92 -9.19
N LYS C 22 6.03 6.65 -7.87
CA LYS C 22 4.85 6.84 -7.03
C LYS C 22 3.66 6.01 -7.51
N LYS C 23 3.93 4.88 -8.16
CA LYS C 23 2.90 3.92 -8.53
C LYS C 23 3.46 2.52 -8.36
N ILE C 24 2.63 1.60 -7.87
CA ILE C 24 3.10 0.28 -7.46
C ILE C 24 2.00 -0.74 -7.72
N THR C 25 2.41 -1.96 -8.09
CA THR C 25 1.48 -3.04 -8.30
C THR C 25 1.01 -3.62 -6.97
N LEU C 26 -0.01 -4.48 -7.04
CA LEU C 26 -0.50 -5.13 -5.82
C LEU C 26 0.56 -6.07 -5.24
N ASN C 27 1.28 -6.79 -6.11
CA ASN C 27 2.34 -7.68 -5.62
C ASN C 27 3.51 -6.88 -5.07
N GLY C 28 3.81 -5.73 -5.67
CA GLY C 28 4.86 -4.87 -5.13
C GLY C 28 4.54 -4.37 -3.74
N ILE C 29 3.26 -4.14 -3.45
CA ILE C 29 2.86 -3.74 -2.10
C ILE C 29 3.13 -4.89 -1.13
N TYR C 30 2.84 -6.12 -1.54
CA TYR C 30 3.15 -7.28 -0.70
C TYR C 30 4.63 -7.32 -0.35
N GLN C 31 5.49 -7.24 -1.38
CA GLN C 31 6.92 -7.38 -1.15
C GLN C 31 7.48 -6.22 -0.35
N PHE C 32 6.94 -5.01 -0.54
CA PHE C 32 7.37 -3.88 0.26
C PHE C 32 7.05 -4.09 1.73
N ILE C 33 5.82 -4.55 2.01
CA ILE C 33 5.39 -4.75 3.40
C ILE C 33 6.21 -5.85 4.07
N MET C 34 6.36 -6.99 3.39
CA MET C 34 7.06 -8.12 3.99
C MET C 34 8.55 -7.82 4.15
N ASP C 35 9.15 -7.11 3.19
CA ASP C 35 10.55 -6.74 3.31
C ASP C 35 10.78 -5.77 4.45
N ARG C 36 9.82 -4.87 4.69
CA ARG C 36 9.97 -3.84 5.70
C ARG C 36 9.61 -4.36 7.09
N PHE C 37 8.55 -5.16 7.19
CA PHE C 37 8.07 -5.66 8.48
C PHE C 37 7.99 -7.18 8.43
N PRO C 38 8.97 -7.87 9.05
CA PRO C 38 8.97 -9.35 9.00
C PRO C 38 7.71 -10.03 9.50
N PHE C 39 6.87 -9.33 10.27
CA PHE C 39 5.69 -9.97 10.85
C PHE C 39 4.73 -10.47 9.77
N TYR C 40 4.67 -9.79 8.63
CA TYR C 40 3.75 -10.16 7.56
C TYR C 40 4.32 -11.21 6.62
N ARG C 41 5.51 -11.74 6.90
CA ARG C 41 6.01 -12.88 6.14
C ARG C 41 5.27 -14.16 6.48
N GLU C 42 4.65 -14.24 7.66
CA GLU C 42 3.82 -15.36 8.06
C GLU C 42 2.34 -15.03 7.84
N ASN C 43 1.57 -16.06 7.52
CA ASN C 43 0.10 -15.97 7.43
C ASN C 43 -0.33 -14.94 6.40
N LYS C 44 0.10 -15.16 5.16
CA LYS C 44 -0.14 -14.21 4.08
C LYS C 44 -1.59 -14.21 3.61
N GLN C 45 -2.40 -15.19 4.03
CA GLN C 45 -3.74 -15.30 3.45
C GLN C 45 -4.66 -14.22 4.01
N GLY C 46 -4.52 -13.91 5.30
CA GLY C 46 -5.38 -12.94 5.95
C GLY C 46 -5.10 -11.50 5.61
N TRP C 47 -3.90 -10.99 5.96
CA TRP C 47 -3.60 -9.57 5.82
C TRP C 47 -3.55 -9.13 4.36
N GLN C 48 -3.29 -10.05 3.42
CA GLN C 48 -3.30 -9.67 2.01
C GLN C 48 -4.73 -9.47 1.51
N ASN C 49 -5.68 -10.25 2.04
CA ASN C 49 -7.08 -10.00 1.73
C ASN C 49 -7.52 -8.64 2.23
N SER C 50 -7.01 -8.23 3.40
CA SER C 50 -7.29 -6.89 3.90
C SER C 50 -6.64 -5.82 3.04
N ILE C 51 -5.48 -6.12 2.46
CA ILE C 51 -4.79 -5.15 1.59
C ILE C 51 -5.63 -4.88 0.35
N ARG C 52 -6.20 -5.91 -0.22
CA ARG C 52 -6.98 -5.75 -1.41
C ARG C 52 -8.24 -5.08 -1.12
N HIS C 53 -8.76 -5.37 0.02
CA HIS C 53 -10.01 -4.76 0.47
C HIS C 53 -9.86 -3.30 0.65
N ASN C 54 -8.76 -2.86 1.19
CA ASN C 54 -8.55 -1.43 1.40
C ASN C 54 -8.27 -0.70 0.10
N LEU C 55 -7.67 -1.38 -0.88
CA LEU C 55 -7.37 -0.74 -2.15
C LEU C 55 -8.65 -0.39 -2.92
N SER C 56 -9.65 -1.27 -2.87
CA SER C 56 -10.87 -1.03 -3.61
C SER C 56 -11.85 -0.16 -2.83
N LEU C 57 -11.93 -0.36 -1.51
CA LEU C 57 -12.96 0.31 -0.71
C LEU C 57 -12.71 1.80 -0.60
N ASN C 58 -11.47 2.18 -0.30
CA ASN C 58 -11.16 3.56 0.06
C ASN C 58 -10.88 4.39 -1.19
N GLU C 59 -11.47 5.59 -1.23
CA GLU C 59 -11.29 6.50 -2.36
C GLU C 59 -9.86 6.98 -2.52
N CYS C 60 -9.06 6.93 -1.44
CA CYS C 60 -7.70 7.46 -1.49
C CYS C 60 -6.78 6.65 -2.40
N PHE C 61 -7.08 5.38 -2.62
CA PHE C 61 -6.25 4.50 -3.44
C PHE C 61 -6.95 4.31 -4.78
N VAL C 62 -6.43 4.96 -5.82
CA VAL C 62 -7.03 4.92 -7.15
C VAL C 62 -6.17 4.04 -8.04
N LYS C 63 -6.83 3.14 -8.78
CA LYS C 63 -6.15 2.22 -9.68
C LYS C 63 -6.11 2.82 -11.08
N VAL C 64 -4.93 2.78 -11.70
CA VAL C 64 -4.75 3.30 -13.05
C VAL C 64 -4.15 2.22 -13.93
N PRO C 65 -4.46 2.19 -15.24
CA PRO C 65 -3.97 1.10 -16.10
C PRO C 65 -2.46 1.12 -16.28
N ARG C 66 -1.93 0.17 -17.04
CA ARG C 66 -0.50 -0.04 -17.20
C ARG C 66 -0.08 0.16 -18.66
N ASP C 67 1.24 0.30 -18.84
CA ASP C 67 1.85 0.46 -20.15
C ASP C 67 1.75 -0.71 -21.12
N ASP C 68 2.31 -1.84 -20.75
CA ASP C 68 2.11 -3.13 -21.41
C ASP C 68 2.01 -4.22 -20.35
N LYS C 69 1.80 -5.46 -20.82
CA LYS C 69 1.76 -6.61 -19.91
C LYS C 69 3.09 -7.24 -19.51
N LYS C 70 4.15 -6.44 -19.53
CA LYS C 70 5.48 -6.97 -19.28
C LYS C 70 5.77 -6.94 -17.77
N PRO C 71 5.69 -5.79 -17.08
CA PRO C 71 6.06 -5.79 -15.65
C PRO C 71 4.97 -6.36 -14.75
N GLY C 72 5.00 -7.67 -14.55
CA GLY C 72 4.09 -8.31 -13.60
C GLY C 72 2.69 -8.52 -14.12
N LYS C 73 1.70 -8.26 -13.26
CA LYS C 73 0.30 -8.51 -13.60
C LYS C 73 -0.57 -7.56 -12.78
N GLY C 74 -1.75 -7.25 -13.31
CA GLY C 74 -2.61 -6.28 -12.69
C GLY C 74 -2.27 -4.86 -13.12
N SER C 75 -2.91 -3.90 -12.46
CA SER C 75 -2.70 -2.49 -12.73
C SER C 75 -1.92 -1.83 -11.60
N TYR C 76 -1.45 -0.63 -11.86
CA TYR C 76 -0.74 0.14 -10.85
C TYR C 76 -1.74 0.80 -9.90
N TRP C 77 -1.32 0.95 -8.64
CA TRP C 77 -2.10 1.65 -7.62
C TRP C 77 -1.38 2.93 -7.26
N THR C 78 -2.10 4.04 -7.22
CA THR C 78 -1.56 5.34 -6.89
C THR C 78 -2.40 5.98 -5.79
N LEU C 79 -1.89 7.09 -5.26
CA LEU C 79 -2.58 7.84 -4.22
C LEU C 79 -3.39 8.96 -4.85
N ASP C 80 -4.63 9.13 -4.39
CA ASP C 80 -5.39 10.31 -4.76
C ASP C 80 -4.66 11.55 -4.27
N PRO C 81 -4.43 12.54 -5.13
CA PRO C 81 -3.65 13.72 -4.71
C PRO C 81 -4.17 14.39 -3.43
N ASP C 82 -5.48 14.31 -3.18
CA ASP C 82 -6.00 14.91 -1.96
C ASP C 82 -5.48 14.20 -0.71
N SER C 83 -5.32 12.88 -0.79
CA SER C 83 -4.94 12.06 0.35
C SER C 83 -3.48 11.63 0.32
N TYR C 84 -2.65 12.31 -0.48
CA TYR C 84 -1.23 11.97 -0.49
C TYR C 84 -0.59 12.23 0.86
N ASN C 85 -0.84 13.41 1.42
CA ASN C 85 -0.34 13.78 2.75
C ASN C 85 -1.39 13.54 3.82
N MET C 86 -2.22 12.51 3.67
CA MET C 86 -3.30 12.27 4.62
C MET C 86 -2.78 11.95 6.02
N PHE C 87 -1.52 11.56 6.14
CA PHE C 87 -0.90 11.33 7.44
C PHE C 87 -0.09 12.56 7.84
N GLU C 88 0.00 12.78 9.16
CA GLU C 88 0.57 14.03 9.67
C GLU C 88 2.07 14.10 9.43
N ASN C 89 2.83 13.22 10.09
CA ASN C 89 4.25 13.41 10.30
C ASN C 89 5.11 12.82 9.19
N GLY C 90 4.71 11.66 8.65
CA GLY C 90 5.64 10.77 8.00
C GLY C 90 6.16 9.69 8.92
N SER C 91 5.66 9.63 10.14
CA SER C 91 5.74 8.49 11.03
C SER C 91 4.50 7.61 10.96
N PHE C 92 3.45 8.07 10.26
CA PHE C 92 2.34 7.23 9.81
C PHE C 92 1.56 6.61 10.97
N LEU C 93 1.41 7.33 12.08
CA LEU C 93 0.68 6.78 13.22
C LEU C 93 -0.77 7.27 13.32
N ARG C 94 -1.15 8.32 12.60
CA ARG C 94 -2.54 8.71 12.51
C ARG C 94 -2.70 9.79 11.43
N ARG C 95 -3.93 9.91 10.94
CA ARG C 95 -4.25 10.85 9.87
C ARG C 95 -4.48 12.26 10.44
N ARG C 96 -4.51 13.24 9.54
CA ARG C 96 -4.74 14.62 9.91
C ARG C 96 -6.13 15.05 9.45
N ARG C 97 -6.44 16.34 9.59
CA ARG C 97 -7.78 16.89 9.43
C ARG C 97 -8.73 16.36 10.51
#